data_3IUU
#
_entry.id   3IUU
#
_cell.length_a   82.220
_cell.length_b   82.220
_cell.length_c   310.730
_cell.angle_alpha   90.000
_cell.angle_beta   90.000
_cell.angle_gamma   120.000
#
_symmetry.space_group_name_H-M   'P 62 2 2'
#
loop_
_entity.id
_entity.type
_entity.pdbx_description
1 polymer 'Putative metallopeptidase'
2 non-polymer 'ZINC ION'
3 non-polymer IMIDAZOLE
4 non-polymer 'SULFATE ION'
5 non-polymer 'TRIETHYLENE GLYCOL'
6 non-polymer DI(HYDROXYETHYL)ETHER
7 water water
#
_entity_poly.entity_id   1
_entity_poly.type   'polypeptide(L)'
_entity_poly.pdbx_seq_one_letter_code
;G(MSE)AQRSILVGQIWHEGHSFNPILTREKDFLFLRGEAVLEEARASSTALSGIVKTAEALGYRCVPSISARARPGGAI
EQKVFDNIVDEFVQAAR(MSE)QDFDAICLDLHGATLAEHTLDTEGYLLSRLREVVGNDI(MSE)ISLALDLHAYLTPQ
(MSE)VEQATIITSFRTTPHADIEETGVRA(MSE)TLLDSLSNETRPPRAIYSLIPFLTRGNDETWSGPLAEIGAAADRW
RARSDVVDLSIFNVHPFLDVPGYGQVVLAYDNGSGAAIDACRDLSD(MSE)LWKARDEFQEQL(MSE)SVDKALEIARTS
RQLLALGDQGDRV(MSE)GAGPGDSPEIARVALEHFPGLKVAVPVYDPQAVRTAREAGENATVR(MSE)AVGGAFTHSVA
PLERDWTVRKLCRARFTNIGPY(MSE)AGTEADFGDAAVLTCDAVTVIVTT(MSE)APNVHDPAFYEAVGVPLASQQAVV
ARAANHYKLSFADIARTITVDTPGLTAFKPHQFPFTQARPFYPLDIVQWSFAPLECNKVG
;
_entity_poly.pdbx_strand_id   A
#
loop_
_chem_comp.id
_chem_comp.type
_chem_comp.name
_chem_comp.formula
IMD non-polymer IMIDAZOLE 'C3 H5 N2 1'
PEG non-polymer DI(HYDROXYETHYL)ETHER 'C4 H10 O3'
PGE non-polymer 'TRIETHYLENE GLYCOL' 'C6 H14 O4'
SO4 non-polymer 'SULFATE ION' 'O4 S -2'
ZN non-polymer 'ZINC ION' 'Zn 2'
#
# COMPACT_ATOMS: atom_id res chain seq x y z
N GLY A 1 14.78 -16.01 -32.66
CA GLY A 1 16.28 -16.14 -32.63
C GLY A 1 16.69 -17.27 -31.70
N MSE A 2 17.99 -17.47 -31.55
CA MSE A 2 18.50 -18.65 -30.86
C MSE A 2 18.98 -18.35 -29.46
O MSE A 2 19.27 -19.27 -28.71
CB MSE A 2 19.66 -19.22 -31.68
CG MSE A 2 19.24 -19.65 -33.06
SE MSE A 2 18.18 -21.33 -32.89
CE MSE A 2 19.73 -22.53 -32.96
N ALA A 3 19.09 -17.08 -29.11
CA ALA A 3 19.82 -16.66 -27.91
C ALA A 3 19.00 -16.88 -26.67
N GLN A 4 19.69 -16.95 -25.54
CA GLN A 4 18.99 -17.05 -24.27
C GLN A 4 17.94 -15.93 -24.17
N ARG A 5 16.75 -16.27 -23.73
CA ARG A 5 15.68 -15.28 -23.61
CA ARG A 5 15.68 -15.29 -23.61
C ARG A 5 15.93 -14.39 -22.40
N SER A 6 15.62 -13.11 -22.52
CA SER A 6 15.79 -12.22 -21.40
C SER A 6 14.50 -11.44 -21.10
N ILE A 7 14.34 -11.14 -19.81
CA ILE A 7 13.14 -10.49 -19.30
C ILE A 7 13.55 -9.13 -18.75
N LEU A 8 12.85 -8.07 -19.16
CA LEU A 8 13.05 -6.74 -18.58
C LEU A 8 12.23 -6.71 -17.29
N VAL A 9 12.86 -6.25 -16.20
CA VAL A 9 12.25 -6.23 -14.91
C VAL A 9 12.43 -4.88 -14.26
N GLY A 10 11.50 -4.54 -13.36
CA GLY A 10 11.56 -3.31 -12.58
C GLY A 10 10.44 -3.28 -11.58
N GLN A 11 10.39 -2.19 -10.82
CA GLN A 11 9.53 -2.08 -9.70
C GLN A 11 9.13 -0.62 -9.40
N ILE A 12 7.86 -0.40 -9.10
CA ILE A 12 7.43 0.84 -8.52
C ILE A 12 6.51 0.48 -7.39
N TRP A 13 6.76 1.08 -6.23
CA TRP A 13 5.94 0.90 -5.05
C TRP A 13 5.62 2.27 -4.45
N HIS A 14 4.34 2.62 -4.51
CA HIS A 14 3.82 3.84 -3.95
C HIS A 14 2.33 3.65 -4.00
N GLU A 15 1.67 4.07 -2.92
CA GLU A 15 0.23 4.13 -2.89
C GLU A 15 -0.18 5.54 -2.56
N GLY A 16 -1.08 6.10 -3.38
CA GLY A 16 -1.49 7.48 -3.26
C GLY A 16 -2.73 7.71 -2.44
N HIS A 17 -2.97 8.99 -2.16
CA HIS A 17 -4.15 9.47 -1.47
C HIS A 17 -4.47 10.81 -2.11
N SER A 18 -5.66 10.92 -2.72
CA SER A 18 -6.09 12.17 -3.35
C SER A 18 -6.38 13.25 -2.35
N PHE A 19 -6.49 12.95 -1.06
CA PHE A 19 -6.84 14.00 -0.07
C PHE A 19 -5.73 14.32 0.93
N ASN A 20 -4.56 13.76 0.70
CA ASN A 20 -3.41 14.10 1.52
C ASN A 20 -2.71 15.26 0.83
N PRO A 21 -2.70 16.45 1.45
CA PRO A 21 -2.12 17.59 0.78
C PRO A 21 -0.62 17.55 0.71
N ILE A 22 0.03 16.52 1.26
CA ILE A 22 1.50 16.46 1.16
C ILE A 22 1.94 15.63 -0.03
N LEU A 23 2.52 16.30 -1.03
CA LEU A 23 3.00 15.60 -2.22
C LEU A 23 4.14 14.66 -1.80
N THR A 24 4.18 13.46 -2.38
CA THR A 24 5.36 12.63 -2.23
C THR A 24 6.45 13.24 -3.12
N ARG A 25 7.67 13.37 -2.56
CA ARG A 25 8.77 14.06 -3.20
C ARG A 25 9.89 13.08 -3.55
N GLU A 26 10.85 13.55 -4.33
CA GLU A 26 12.00 12.71 -4.69
C GLU A 26 12.74 12.10 -3.48
N LYS A 27 12.94 12.93 -2.44
CA LYS A 27 13.50 12.50 -1.15
C LYS A 27 12.83 11.31 -0.53
N ASP A 28 11.54 11.15 -0.75
CA ASP A 28 10.80 10.06 -0.12
C ASP A 28 11.07 8.69 -0.77
N PHE A 29 11.67 8.71 -1.96
CA PHE A 29 11.97 7.51 -2.72
C PHE A 29 13.34 6.92 -2.46
N LEU A 30 13.38 5.60 -2.48
CA LEU A 30 14.61 4.88 -2.71
C LEU A 30 14.65 4.42 -4.18
N PHE A 31 15.67 4.84 -4.91
CA PHE A 31 15.91 4.41 -6.28
C PHE A 31 17.08 3.45 -6.40
N LEU A 32 16.92 2.40 -7.20
CA LEU A 32 18.07 1.61 -7.63
C LEU A 32 18.06 1.47 -9.13
N ARG A 33 19.25 1.38 -9.72
CA ARG A 33 19.40 1.20 -11.15
C ARG A 33 20.40 0.09 -11.46
N GLY A 34 20.33 -0.39 -12.69
CA GLY A 34 21.27 -1.39 -13.16
C GLY A 34 21.27 -2.66 -12.34
N GLU A 35 22.43 -3.30 -12.29
CA GLU A 35 22.61 -4.55 -11.60
C GLU A 35 22.17 -4.49 -10.12
N ALA A 36 22.31 -3.33 -9.47
CA ALA A 36 21.85 -3.15 -8.09
C ALA A 36 20.36 -3.50 -7.93
N VAL A 37 19.56 -3.26 -8.97
CA VAL A 37 18.13 -3.61 -8.92
C VAL A 37 17.97 -5.10 -8.70
N LEU A 38 18.79 -5.88 -9.42
CA LEU A 38 18.76 -7.32 -9.35
C LEU A 38 19.43 -7.86 -8.07
N GLU A 39 20.56 -7.28 -7.66
CA GLU A 39 21.16 -7.68 -6.38
C GLU A 39 20.18 -7.55 -5.20
N GLU A 40 19.51 -6.39 -5.10
CA GLU A 40 18.44 -6.16 -4.09
C GLU A 40 17.29 -7.17 -4.21
N ALA A 41 16.80 -7.39 -5.43
CA ALA A 41 15.72 -8.35 -5.64
C ALA A 41 16.10 -9.73 -5.06
N ARG A 42 17.28 -10.23 -5.40
CA ARG A 42 17.67 -11.57 -4.95
C ARG A 42 17.81 -11.67 -3.44
N ALA A 43 18.14 -10.55 -2.78
CA ALA A 43 18.32 -10.51 -1.34
C ALA A 43 17.07 -10.10 -0.54
N SER A 44 15.92 -10.04 -1.20
CA SER A 44 14.69 -9.56 -0.57
C SER A 44 13.54 -10.48 -0.89
N SER A 45 12.33 -10.09 -0.50
CA SER A 45 11.15 -10.94 -0.59
C SER A 45 9.96 -10.15 -1.16
N THR A 46 10.24 -9.24 -2.11
CA THR A 46 9.16 -8.49 -2.73
C THR A 46 8.63 -9.30 -3.94
N ALA A 47 7.65 -8.74 -4.65
CA ALA A 47 7.14 -9.33 -5.90
C ALA A 47 8.28 -9.36 -6.91
N LEU A 48 9.06 -8.27 -6.99
CA LEU A 48 10.26 -8.25 -7.84
C LEU A 48 11.18 -9.42 -7.55
N SER A 49 11.38 -9.72 -6.25
CA SER A 49 12.22 -10.87 -5.84
C SER A 49 11.69 -12.13 -6.44
N GLY A 50 10.36 -12.28 -6.37
CA GLY A 50 9.68 -13.41 -6.96
C GLY A 50 9.91 -13.50 -8.46
N ILE A 51 9.80 -12.37 -9.15
CA ILE A 51 9.94 -12.32 -10.61
C ILE A 51 11.36 -12.73 -11.02
N VAL A 52 12.34 -12.01 -10.46
CA VAL A 52 13.75 -12.26 -10.72
C VAL A 52 14.20 -13.68 -10.33
N LYS A 53 13.84 -14.17 -9.14
CA LYS A 53 14.29 -15.55 -8.76
C LYS A 53 13.68 -16.61 -9.68
N THR A 54 12.40 -16.46 -10.00
CA THR A 54 11.72 -17.40 -10.87
C THR A 54 12.30 -17.31 -12.30
N ALA A 55 12.40 -16.11 -12.85
CA ALA A 55 12.97 -15.99 -14.20
C ALA A 55 14.34 -16.72 -14.26
N GLU A 56 15.20 -16.48 -13.29
CA GLU A 56 16.54 -17.05 -13.33
C GLU A 56 16.54 -18.55 -13.08
N ALA A 57 15.62 -19.04 -12.24
CA ALA A 57 15.52 -20.49 -12.04
C ALA A 57 15.01 -21.17 -13.30
N LEU A 58 14.26 -20.45 -14.11
CA LEU A 58 13.71 -21.01 -15.34
C LEU A 58 14.69 -20.96 -16.51
N GLY A 59 15.84 -20.29 -16.34
CA GLY A 59 16.83 -20.15 -17.42
C GLY A 59 16.87 -18.81 -18.18
N TYR A 60 15.96 -17.90 -17.89
CA TYR A 60 15.95 -16.59 -18.53
C TYR A 60 17.06 -15.71 -17.96
N ARG A 61 17.55 -14.79 -18.77
CA ARG A 61 18.34 -13.69 -18.24
C ARG A 61 17.42 -12.52 -17.86
N CYS A 62 17.67 -11.89 -16.72
CA CYS A 62 16.95 -10.71 -16.31
C CYS A 62 17.78 -9.48 -16.65
N VAL A 63 17.11 -8.47 -17.18
CA VAL A 63 17.74 -7.21 -17.53
C VAL A 63 17.03 -6.10 -16.73
N PRO A 64 17.80 -5.25 -16.01
CA PRO A 64 17.18 -4.27 -15.12
C PRO A 64 16.70 -3.03 -15.84
N SER A 65 15.65 -2.43 -15.31
CA SER A 65 15.29 -1.05 -15.63
C SER A 65 15.62 -0.25 -14.37
N ILE A 66 14.62 0.01 -13.51
CA ILE A 66 14.90 0.55 -12.19
C ILE A 66 13.92 0.04 -11.15
N SER A 67 14.23 0.32 -9.90
CA SER A 67 13.24 0.18 -8.84
C SER A 67 13.11 1.48 -8.07
N ALA A 68 11.85 1.80 -7.73
CA ALA A 68 11.48 3.02 -7.06
C ALA A 68 10.41 2.71 -5.99
N ARG A 69 10.74 2.95 -4.73
CA ARG A 69 9.92 2.62 -3.57
C ARG A 69 9.81 3.86 -2.69
N ALA A 70 8.59 4.26 -2.37
CA ALA A 70 8.34 5.37 -1.49
C ALA A 70 7.15 4.92 -0.69
N ARG A 71 7.13 5.29 0.59
CA ARG A 71 6.01 4.99 1.47
C ARG A 71 4.73 5.60 0.91
N PRO A 72 3.58 5.02 1.28
CA PRO A 72 2.31 5.58 0.87
C PRO A 72 2.13 7.04 1.32
N GLY A 73 1.48 7.83 0.50
CA GLY A 73 1.24 9.23 0.87
C GLY A 73 0.49 10.01 -0.21
N GLY A 74 0.68 11.31 -0.22
CA GLY A 74 0.07 12.14 -1.24
C GLY A 74 0.63 11.81 -2.62
N ALA A 75 0.03 12.42 -3.63
CA ALA A 75 0.42 12.19 -5.00
C ALA A 75 1.88 12.53 -5.21
N ILE A 76 2.54 11.77 -6.05
CA ILE A 76 3.90 12.09 -6.41
C ILE A 76 3.94 13.37 -7.24
N GLU A 77 4.74 14.32 -6.78
CA GLU A 77 5.25 15.42 -7.59
C GLU A 77 5.43 15.02 -9.03
N GLN A 78 4.78 15.75 -9.94
CA GLN A 78 4.64 15.27 -11.30
C GLN A 78 5.97 15.11 -11.97
N LYS A 79 6.88 16.04 -11.74
CA LYS A 79 8.20 15.99 -12.38
C LYS A 79 8.92 14.72 -11.97
N VAL A 80 8.82 14.37 -10.68
CA VAL A 80 9.51 13.18 -10.18
C VAL A 80 8.91 11.95 -10.86
N PHE A 81 7.58 11.89 -10.94
CA PHE A 81 6.93 10.76 -11.61
C PHE A 81 7.31 10.68 -13.08
N ASP A 82 7.29 11.82 -13.77
CA ASP A 82 7.79 11.89 -15.15
C ASP A 82 9.21 11.37 -15.31
N ASN A 83 10.10 11.65 -14.36
CA ASN A 83 11.49 11.15 -14.43
C ASN A 83 11.57 9.62 -14.22
N ILE A 84 10.75 9.09 -13.33
CA ILE A 84 10.68 7.65 -13.13
C ILE A 84 10.26 6.98 -14.44
N VAL A 85 9.18 7.46 -15.05
CA VAL A 85 8.70 6.84 -16.32
C VAL A 85 9.74 6.88 -17.43
N ASP A 86 10.39 8.04 -17.55
CA ASP A 86 11.47 8.21 -18.51
C ASP A 86 12.58 7.20 -18.31
N GLU A 87 12.98 6.93 -17.05
CA GLU A 87 14.00 5.89 -16.79
C GLU A 87 13.53 4.52 -17.25
N PHE A 88 12.27 4.21 -17.01
CA PHE A 88 11.72 2.94 -17.56
C PHE A 88 11.81 2.89 -19.08
N VAL A 89 11.38 3.97 -19.73
CA VAL A 89 11.31 4.03 -21.21
C VAL A 89 12.72 3.88 -21.83
N GLN A 90 13.69 4.58 -21.24
CA GLN A 90 15.10 4.51 -21.66
C GLN A 90 15.68 3.11 -21.53
N ALA A 91 15.45 2.45 -20.39
CA ALA A 91 15.85 1.06 -20.24
C ALA A 91 15.17 0.19 -21.35
N ALA A 92 13.91 0.49 -21.64
CA ALA A 92 13.19 -0.26 -22.65
C ALA A 92 13.86 -0.08 -24.02
N ARG A 93 14.46 1.07 -24.31
CA ARG A 93 15.20 1.26 -25.58
C ARG A 93 16.57 0.59 -25.63
N MSE A 94 17.37 0.85 -24.60
CA MSE A 94 18.81 0.50 -24.52
C MSE A 94 19.04 -1.00 -24.48
O MSE A 94 19.99 -1.49 -25.08
CB MSE A 94 19.45 1.13 -23.28
N GLN A 95 18.15 -1.72 -23.79
CA GLN A 95 18.34 -3.14 -23.49
C GLN A 95 17.69 -4.06 -24.52
N ASP A 96 18.17 -5.30 -24.50
CA ASP A 96 17.64 -6.39 -25.31
C ASP A 96 16.85 -7.27 -24.39
N PHE A 97 15.61 -7.59 -24.77
CA PHE A 97 14.72 -8.45 -23.96
C PHE A 97 13.60 -8.97 -24.82
N ASP A 98 12.99 -10.07 -24.42
CA ASP A 98 11.93 -10.73 -25.18
C ASP A 98 10.54 -10.58 -24.58
N ALA A 99 10.49 -10.06 -23.35
CA ALA A 99 9.25 -9.89 -22.60
C ALA A 99 9.57 -8.96 -21.44
N ILE A 100 8.54 -8.47 -20.78
CA ILE A 100 8.69 -7.52 -19.66
C ILE A 100 7.89 -8.04 -18.48
N CYS A 101 8.47 -8.07 -17.29
CA CYS A 101 7.74 -8.53 -16.10
C CYS A 101 8.03 -7.56 -14.97
N LEU A 102 6.99 -6.88 -14.48
CA LEU A 102 7.13 -5.79 -13.52
C LEU A 102 6.33 -5.98 -12.24
N ASP A 103 6.87 -5.41 -11.17
CA ASP A 103 6.27 -5.36 -9.85
C ASP A 103 5.82 -3.91 -9.64
N LEU A 104 4.53 -3.66 -9.75
CA LEU A 104 4.02 -2.30 -9.58
C LEU A 104 3.00 -2.40 -8.48
N HIS A 105 2.69 -1.30 -7.80
CA HIS A 105 1.64 -1.33 -6.80
C HIS A 105 0.24 -1.45 -7.42
N GLY A 106 -0.11 -0.46 -8.25
CA GLY A 106 -1.39 -0.42 -8.93
C GLY A 106 -2.23 0.76 -8.49
N ALA A 107 -1.87 1.39 -7.36
CA ALA A 107 -2.49 2.64 -6.87
C ALA A 107 -1.47 3.77 -6.59
N THR A 108 -0.38 3.76 -7.35
CA THR A 108 0.56 4.88 -7.42
C THR A 108 -0.18 6.03 -8.08
N LEU A 109 0.08 7.23 -7.58
CA LEU A 109 -0.67 8.40 -7.94
C LEU A 109 0.29 9.53 -8.12
N ALA A 110 0.12 10.28 -9.21
CA ALA A 110 0.88 11.48 -9.40
C ALA A 110 -0.03 12.69 -9.46
N GLU A 111 0.57 13.86 -9.31
CA GLU A 111 -0.16 15.12 -9.15
C GLU A 111 -1.10 15.36 -10.34
N HIS A 112 -0.68 14.97 -11.55
CA HIS A 112 -1.54 15.10 -12.71
CA HIS A 112 -1.51 15.12 -12.77
C HIS A 112 -1.97 13.78 -13.34
N THR A 113 -1.11 12.77 -13.31
CA THR A 113 -1.45 11.44 -13.80
C THR A 113 -2.19 10.57 -12.77
N LEU A 114 -3.43 10.23 -13.07
CA LEU A 114 -4.34 9.55 -12.12
C LEU A 114 -4.22 8.04 -12.22
N ASP A 115 -4.01 7.52 -13.43
CA ASP A 115 -3.76 6.12 -13.68
C ASP A 115 -2.31 5.99 -14.07
N THR A 116 -1.40 5.87 -13.08
CA THR A 116 0.04 5.89 -13.36
C THR A 116 0.52 4.63 -14.07
N GLU A 117 -0.01 3.48 -13.66
CA GLU A 117 0.42 2.23 -14.26
C GLU A 117 -0.05 2.09 -15.69
N GLY A 118 -1.29 2.48 -15.95
CA GLY A 118 -1.80 2.52 -17.29
C GLY A 118 -0.91 3.39 -18.17
N TYR A 119 -0.58 4.58 -17.68
CA TYR A 119 0.26 5.51 -18.42
C TYR A 119 1.64 4.93 -18.72
N LEU A 120 2.24 4.29 -17.70
CA LEU A 120 3.54 3.69 -17.83
C LEU A 120 3.51 2.61 -18.91
N LEU A 121 2.51 1.75 -18.87
CA LEU A 121 2.41 0.71 -19.90
C LEU A 121 2.35 1.31 -21.34
N SER A 122 1.52 2.33 -21.52
CA SER A 122 1.46 2.99 -22.84
C SER A 122 2.80 3.54 -23.31
N ARG A 123 3.48 4.26 -22.43
CA ARG A 123 4.78 4.82 -22.77
C ARG A 123 5.77 3.72 -23.12
N LEU A 124 5.74 2.60 -22.40
CA LEU A 124 6.59 1.46 -22.74
C LEU A 124 6.22 0.87 -24.12
N ARG A 125 4.93 0.74 -24.39
CA ARG A 125 4.51 0.20 -25.69
C ARG A 125 4.80 1.13 -26.86
N GLU A 126 4.80 2.43 -26.62
CA GLU A 126 5.32 3.36 -27.64
C GLU A 126 6.69 2.93 -28.14
N VAL A 127 7.54 2.46 -27.25
CA VAL A 127 8.92 2.04 -27.57
C VAL A 127 9.04 0.55 -27.93
N VAL A 128 8.23 -0.32 -27.30
CA VAL A 128 8.41 -1.78 -27.51
C VAL A 128 7.40 -2.43 -28.46
N GLY A 129 6.32 -1.75 -28.82
CA GLY A 129 5.34 -2.35 -29.70
C GLY A 129 4.32 -3.17 -28.96
N ASN A 130 3.44 -3.83 -29.72
CA ASN A 130 2.28 -4.55 -29.19
C ASN A 130 2.35 -6.02 -29.33
N ASP A 131 3.52 -6.51 -29.75
CA ASP A 131 3.73 -7.92 -29.83
C ASP A 131 4.37 -8.43 -28.55
N ILE A 132 5.41 -7.78 -28.00
CA ILE A 132 6.05 -8.42 -26.84
C ILE A 132 5.11 -8.47 -25.59
N MSE A 133 5.34 -9.43 -24.72
CA MSE A 133 4.44 -9.60 -23.61
C MSE A 133 4.86 -8.75 -22.42
O MSE A 133 6.04 -8.51 -22.19
CB MSE A 133 4.30 -11.06 -23.26
CG MSE A 133 3.74 -11.80 -24.41
SE MSE A 133 3.30 -13.59 -23.94
CE MSE A 133 5.10 -14.43 -23.94
N ILE A 134 3.86 -8.27 -21.70
CA ILE A 134 4.09 -7.56 -20.46
C ILE A 134 3.22 -8.22 -19.41
N SER A 135 3.88 -8.67 -18.34
CA SER A 135 3.19 -9.29 -17.21
C SER A 135 3.37 -8.44 -15.97
N LEU A 136 2.30 -8.23 -15.22
CA LEU A 136 2.39 -7.44 -14.00
C LEU A 136 2.06 -8.24 -12.74
N ALA A 137 2.81 -7.97 -11.68
CA ALA A 137 2.42 -8.32 -10.33
C ALA A 137 1.89 -7.05 -9.70
N LEU A 138 0.71 -7.15 -9.10
CA LEU A 138 0.09 -6.01 -8.48
C LEU A 138 -0.34 -6.28 -7.03
N ASP A 139 -0.38 -5.21 -6.25
CA ASP A 139 -1.02 -5.16 -4.95
C ASP A 139 -2.52 -5.19 -5.17
N LEU A 140 -3.24 -5.88 -4.29
CA LEU A 140 -4.69 -6.08 -4.49
C LEU A 140 -5.50 -4.79 -4.23
N HIS A 141 -4.82 -3.80 -3.67
CA HIS A 141 -5.37 -2.49 -3.52
C HIS A 141 -5.29 -1.61 -4.77
N ALA A 142 -4.83 -2.18 -5.85
CA ALA A 142 -4.73 -1.48 -7.11
C ALA A 142 -6.06 -0.78 -7.55
N TYR A 143 -5.88 0.37 -8.18
CA TYR A 143 -6.89 0.98 -9.03
C TYR A 143 -6.68 0.39 -10.42
N LEU A 144 -7.44 -0.65 -10.71
CA LEU A 144 -7.24 -1.41 -11.92
C LEU A 144 -8.14 -0.83 -13.02
N THR A 145 -7.53 -0.34 -14.07
CA THR A 145 -8.22 0.44 -15.12
C THR A 145 -8.30 -0.34 -16.43
N PRO A 146 -9.27 0.03 -17.27
CA PRO A 146 -9.36 -0.59 -18.61
C PRO A 146 -8.05 -0.47 -19.40
N GLN A 147 -7.34 0.65 -19.26
CA GLN A 147 -6.12 0.87 -20.00
C GLN A 147 -5.06 -0.18 -19.61
N MSE A 148 -4.98 -0.44 -18.31
CA MSE A 148 -4.12 -1.48 -17.80
C MSE A 148 -4.45 -2.84 -18.40
O MSE A 148 -3.55 -3.54 -18.89
CB MSE A 148 -4.12 -1.51 -16.27
CG MSE A 148 -3.37 -0.34 -15.68
SE MSE A 148 -3.80 -0.14 -13.79
CE MSE A 148 -2.80 -1.69 -13.13
N VAL A 149 -5.73 -3.19 -18.46
CA VAL A 149 -6.12 -4.46 -19.04
C VAL A 149 -5.77 -4.52 -20.52
N GLU A 150 -5.93 -3.40 -21.19
CA GLU A 150 -5.70 -3.35 -22.59
C GLU A 150 -4.21 -3.39 -22.87
N GLN A 151 -3.42 -2.66 -22.09
CA GLN A 151 -1.99 -2.58 -22.40
C GLN A 151 -1.10 -3.70 -21.86
N ALA A 152 -1.52 -4.43 -20.82
CA ALA A 152 -0.78 -5.59 -20.32
C ALA A 152 -1.25 -6.90 -21.00
N THR A 153 -0.35 -7.85 -21.19
CA THR A 153 -0.70 -9.21 -21.61
C THR A 153 -1.41 -9.97 -20.47
N ILE A 154 -0.91 -9.86 -19.25
CA ILE A 154 -1.53 -10.53 -18.11
C ILE A 154 -1.14 -9.85 -16.82
N ILE A 155 -2.05 -9.88 -15.86
CA ILE A 155 -1.94 -9.17 -14.57
C ILE A 155 -2.42 -10.10 -13.48
N THR A 156 -1.69 -10.16 -12.37
CA THR A 156 -2.09 -10.94 -11.21
C THR A 156 -1.77 -10.20 -9.91
N SER A 157 -2.67 -10.29 -8.93
CA SER A 157 -2.53 -9.53 -7.70
C SER A 157 -2.30 -10.42 -6.46
N PHE A 158 -1.95 -9.76 -5.36
CA PHE A 158 -1.93 -10.41 -4.06
C PHE A 158 -3.33 -11.00 -3.79
N ARG A 159 -3.36 -12.02 -2.96
CA ARG A 159 -4.60 -12.66 -2.55
C ARG A 159 -4.81 -12.61 -1.07
N THR A 160 -3.94 -11.92 -0.33
CA THR A 160 -4.06 -11.84 1.10
C THR A 160 -3.93 -10.42 1.57
N THR A 161 -4.72 -10.17 2.61
CA THR A 161 -4.72 -8.97 3.37
C THR A 161 -4.86 -9.42 4.85
N PRO A 162 -3.88 -9.12 5.69
CA PRO A 162 -2.62 -8.44 5.37
C PRO A 162 -1.79 -9.21 4.34
N HIS A 163 -0.94 -8.48 3.62
CA HIS A 163 -0.26 -9.01 2.43
C HIS A 163 0.87 -9.91 2.89
N ALA A 164 0.62 -11.23 2.82
CA ALA A 164 1.62 -12.23 3.13
C ALA A 164 2.03 -13.06 1.90
N ASP A 165 1.46 -12.83 0.71
CA ASP A 165 1.85 -13.55 -0.49
C ASP A 165 2.49 -12.63 -1.56
N ILE A 166 3.29 -11.67 -1.10
CA ILE A 166 3.86 -10.66 -1.98
C ILE A 166 4.81 -11.34 -2.94
N GLU A 167 5.77 -12.09 -2.39
CA GLU A 167 6.74 -12.75 -3.24
C GLU A 167 6.12 -13.75 -4.17
N GLU A 168 5.18 -14.55 -3.63
CA GLU A 168 4.50 -15.56 -4.42
C GLU A 168 3.72 -14.92 -5.59
N THR A 169 3.23 -13.69 -5.42
CA THR A 169 2.52 -13.04 -6.52
C THR A 169 3.48 -12.73 -7.70
N GLY A 170 4.69 -12.28 -7.37
CA GLY A 170 5.80 -12.17 -8.32
C GLY A 170 6.20 -13.45 -9.04
N VAL A 171 6.33 -14.54 -8.28
CA VAL A 171 6.57 -15.84 -8.86
C VAL A 171 5.47 -16.13 -9.88
N ARG A 172 4.23 -15.95 -9.48
CA ARG A 172 3.12 -16.24 -10.36
C ARG A 172 3.10 -15.32 -11.62
N ALA A 173 3.42 -14.04 -11.49
CA ALA A 173 3.48 -13.15 -12.69
C ALA A 173 4.43 -13.70 -13.72
N MSE A 174 5.58 -14.15 -13.25
CA MSE A 174 6.61 -14.69 -14.11
C MSE A 174 6.26 -16.08 -14.64
O MSE A 174 6.48 -16.37 -15.82
CB MSE A 174 7.93 -14.71 -13.34
CG MSE A 174 9.12 -15.09 -14.21
SE MSE A 174 9.48 -13.89 -15.75
CE MSE A 174 9.47 -15.28 -17.17
N THR A 175 5.66 -16.92 -13.80
CA THR A 175 5.19 -18.22 -14.23
C THR A 175 4.05 -18.15 -15.26
N LEU A 176 3.15 -17.22 -15.06
CA LEU A 176 2.10 -17.02 -16.04
C LEU A 176 2.70 -16.58 -17.39
N LEU A 177 3.64 -15.64 -17.35
CA LEU A 177 4.30 -15.14 -18.56
C LEU A 177 5.00 -16.27 -19.34
N ASP A 178 5.79 -17.04 -18.61
CA ASP A 178 6.45 -18.22 -19.17
C ASP A 178 5.45 -19.24 -19.79
N SER A 179 4.33 -19.45 -19.11
CA SER A 179 3.31 -20.35 -19.61
C SER A 179 2.68 -19.91 -20.94
N LEU A 180 2.71 -18.61 -21.22
CA LEU A 180 2.12 -18.04 -22.43
C LEU A 180 3.10 -18.01 -23.65
N SER A 181 4.35 -18.41 -23.42
CA SER A 181 5.42 -18.42 -24.42
C SER A 181 5.07 -18.91 -25.81
N ASN A 182 4.26 -19.96 -25.92
CA ASN A 182 3.95 -20.55 -27.23
C ASN A 182 2.59 -20.24 -27.78
N GLU A 183 1.95 -19.21 -27.25
CA GLU A 183 0.59 -18.88 -27.59
C GLU A 183 0.61 -17.96 -28.77
N THR A 184 -0.26 -18.27 -29.74
CA THR A 184 -0.34 -17.50 -30.98
C THR A 184 -1.11 -16.18 -30.79
N ARG A 185 -1.69 -15.98 -29.59
CA ARG A 185 -2.47 -14.77 -29.22
C ARG A 185 -2.41 -14.47 -27.71
N PRO A 186 -2.64 -13.22 -27.31
CA PRO A 186 -2.69 -12.92 -25.88
C PRO A 186 -3.98 -13.48 -25.31
N PRO A 187 -3.99 -13.73 -24.00
CA PRO A 187 -5.16 -14.34 -23.39
C PRO A 187 -6.32 -13.34 -23.36
N ARG A 188 -7.54 -13.86 -23.40
CA ARG A 188 -8.69 -13.01 -23.30
C ARG A 188 -8.82 -12.52 -21.87
N ALA A 189 -9.15 -11.24 -21.68
CA ALA A 189 -9.40 -10.66 -20.36
C ALA A 189 -10.85 -10.15 -20.22
N ILE A 190 -11.45 -10.47 -19.07
CA ILE A 190 -12.80 -10.05 -18.66
C ILE A 190 -12.59 -9.16 -17.46
N TYR A 191 -12.98 -7.87 -17.59
CA TYR A 191 -12.94 -6.89 -16.50
C TYR A 191 -14.37 -6.60 -16.03
N SER A 192 -14.55 -6.51 -14.71
CA SER A 192 -15.84 -6.22 -14.10
C SER A 192 -15.63 -5.26 -12.94
N LEU A 193 -16.26 -4.11 -13.03
CA LEU A 193 -16.22 -3.09 -11.99
C LEU A 193 -17.49 -3.20 -11.17
N ILE A 194 -17.35 -3.38 -9.87
CA ILE A 194 -18.45 -3.40 -8.90
C ILE A 194 -18.35 -2.12 -8.06
N PRO A 195 -19.29 -1.19 -8.24
CA PRO A 195 -19.13 0.21 -7.81
C PRO A 195 -19.39 0.49 -6.32
N PHE A 196 -18.56 -0.10 -5.47
CA PHE A 196 -18.57 0.21 -4.05
C PHE A 196 -17.21 0.17 -3.46
N LEU A 197 -17.05 0.84 -2.32
CA LEU A 197 -15.80 0.83 -1.60
C LEU A 197 -15.98 0.01 -0.33
N THR A 198 -14.90 -0.64 0.10
CA THR A 198 -14.90 -1.41 1.36
C THR A 198 -14.63 -0.43 2.47
N ARG A 199 -15.17 -0.72 3.66
CA ARG A 199 -15.00 0.11 4.84
C ARG A 199 -14.55 -0.73 6.04
N GLY A 200 -13.56 -1.59 5.84
CA GLY A 200 -13.07 -2.50 6.88
C GLY A 200 -13.63 -3.90 6.69
N ASN A 201 -13.46 -4.74 7.73
CA ASN A 201 -13.73 -6.19 7.63
C ASN A 201 -13.20 -6.74 6.32
N ASP A 202 -11.99 -6.31 5.98
CA ASP A 202 -11.40 -6.57 4.65
C ASP A 202 -10.14 -7.47 4.65
N GLU A 203 -9.90 -8.17 5.73
CA GLU A 203 -8.85 -9.20 5.80
C GLU A 203 -9.38 -10.46 5.15
N THR A 204 -8.49 -11.23 4.59
CA THR A 204 -8.87 -12.40 3.81
C THR A 204 -9.00 -13.70 4.61
N TRP A 205 -8.57 -13.72 5.84
CA TRP A 205 -8.62 -14.97 6.64
C TRP A 205 -10.05 -15.17 7.27
N SER A 206 -10.76 -14.11 7.59
CA SER A 206 -12.17 -14.27 7.93
C SER A 206 -12.93 -13.05 7.50
N GLY A 207 -14.23 -13.17 7.41
CA GLY A 207 -15.03 -12.09 6.85
C GLY A 207 -15.38 -12.44 5.42
N PRO A 208 -15.95 -11.46 4.67
CA PRO A 208 -16.58 -11.87 3.42
C PRO A 208 -15.54 -12.29 2.40
N LEU A 209 -14.31 -11.79 2.52
CA LEU A 209 -13.29 -12.21 1.57
C LEU A 209 -12.85 -13.66 1.70
N ALA A 210 -13.07 -14.32 2.84
CA ALA A 210 -12.77 -15.77 2.95
C ALA A 210 -13.62 -16.61 2.02
N GLU A 211 -14.93 -16.39 2.02
CA GLU A 211 -15.82 -17.08 1.09
C GLU A 211 -15.46 -16.75 -0.37
N ILE A 212 -15.25 -15.46 -0.64
CA ILE A 212 -15.02 -14.98 -2.00
C ILE A 212 -13.65 -15.51 -2.47
N GLY A 213 -12.68 -15.47 -1.58
CA GLY A 213 -11.37 -16.04 -1.90
C GLY A 213 -11.41 -17.54 -2.16
N ALA A 214 -12.27 -18.24 -1.44
CA ALA A 214 -12.46 -19.69 -1.66
C ALA A 214 -13.07 -19.97 -3.03
N ALA A 215 -14.10 -19.21 -3.38
CA ALA A 215 -14.70 -19.32 -4.70
C ALA A 215 -13.64 -19.04 -5.77
N ALA A 216 -12.85 -18.01 -5.55
CA ALA A 216 -11.78 -17.64 -6.50
C ALA A 216 -10.78 -18.77 -6.72
N ASP A 217 -10.38 -19.45 -5.64
CA ASP A 217 -9.45 -20.59 -5.74
C ASP A 217 -10.08 -21.70 -6.57
N ARG A 218 -11.35 -22.00 -6.36
CA ARG A 218 -11.96 -23.07 -7.15
C ARG A 218 -12.05 -22.74 -8.64
N TRP A 219 -12.37 -21.48 -8.97
CA TRP A 219 -12.35 -21.06 -10.36
C TRP A 219 -10.95 -21.24 -10.99
N ARG A 220 -9.93 -20.80 -10.28
CA ARG A 220 -8.57 -20.89 -10.78
C ARG A 220 -8.04 -22.32 -10.88
N ALA A 221 -8.68 -23.28 -10.20
CA ALA A 221 -8.27 -24.66 -10.27
C ALA A 221 -8.77 -25.32 -11.54
N ARG A 222 -9.72 -24.69 -12.24
CA ARG A 222 -10.22 -25.26 -13.50
C ARG A 222 -9.13 -25.13 -14.58
N SER A 223 -9.06 -26.12 -15.47
CA SER A 223 -8.12 -26.10 -16.60
C SER A 223 -8.47 -25.01 -17.65
N ASP A 224 -9.66 -24.44 -17.58
CA ASP A 224 -10.09 -23.40 -18.55
C ASP A 224 -10.12 -22.00 -17.93
N VAL A 225 -9.33 -21.79 -16.88
CA VAL A 225 -9.04 -20.45 -16.37
C VAL A 225 -7.54 -20.30 -16.28
N VAL A 226 -7.01 -19.26 -16.93
CA VAL A 226 -5.59 -19.02 -16.88
C VAL A 226 -5.21 -18.36 -15.55
N ASP A 227 -5.97 -17.34 -15.14
CA ASP A 227 -5.78 -16.68 -13.83
C ASP A 227 -6.94 -15.73 -13.54
N LEU A 228 -6.99 -15.24 -12.31
CA LEU A 228 -7.96 -14.19 -12.00
C LEU A 228 -7.54 -13.50 -10.74
N SER A 229 -7.97 -12.25 -10.60
CA SER A 229 -7.65 -11.44 -9.46
C SER A 229 -8.86 -10.62 -9.07
N ILE A 230 -8.88 -10.25 -7.78
CA ILE A 230 -9.90 -9.45 -7.15
C ILE A 230 -9.19 -8.27 -6.50
N PHE A 231 -9.60 -7.07 -6.88
CA PHE A 231 -8.99 -5.84 -6.36
C PHE A 231 -9.95 -5.16 -5.41
N ASN A 232 -9.56 -5.04 -4.13
CA ASN A 232 -10.31 -4.23 -3.17
C ASN A 232 -9.71 -2.84 -3.20
N VAL A 233 -10.14 -2.02 -4.14
CA VAL A 233 -9.44 -0.76 -4.41
C VAL A 233 -9.18 0.08 -3.15
N HIS A 234 -8.00 0.68 -3.09
CA HIS A 234 -7.63 1.66 -2.11
C HIS A 234 -8.71 2.76 -2.07
N PRO A 235 -9.35 2.96 -0.91
CA PRO A 235 -10.56 3.76 -0.91
C PRO A 235 -10.38 5.26 -0.75
N PHE A 236 -9.18 5.79 -1.02
CA PHE A 236 -8.96 7.23 -0.91
C PHE A 236 -8.47 7.87 -2.20
N LEU A 237 -9.01 7.42 -3.33
CA LEU A 237 -8.61 7.91 -4.67
C LEU A 237 -9.81 8.58 -5.33
N ASP A 238 -9.64 9.81 -5.79
CA ASP A 238 -10.70 10.52 -6.49
C ASP A 238 -10.54 10.34 -8.01
N VAL A 239 -10.92 9.16 -8.45
CA VAL A 239 -10.60 8.70 -9.78
C VAL A 239 -11.84 8.09 -10.35
N PRO A 240 -12.00 8.11 -11.69
CA PRO A 240 -13.13 7.52 -12.35
C PRO A 240 -13.02 6.02 -12.52
N GLY A 241 -14.13 5.31 -12.78
CA GLY A 241 -14.06 3.85 -12.88
C GLY A 241 -13.66 3.25 -11.53
N TYR A 242 -14.33 3.69 -10.48
CA TYR A 242 -13.90 3.36 -9.13
C TYR A 242 -14.74 2.28 -8.47
N GLY A 243 -14.08 1.33 -7.83
CA GLY A 243 -14.81 0.29 -7.08
C GLY A 243 -13.98 -0.99 -7.04
N GLN A 244 -14.62 -2.06 -6.66
CA GLN A 244 -13.98 -3.36 -6.65
C GLN A 244 -13.87 -3.80 -8.12
N VAL A 245 -12.77 -4.47 -8.49
CA VAL A 245 -12.63 -5.07 -9.79
C VAL A 245 -12.35 -6.54 -9.71
N VAL A 246 -13.04 -7.34 -10.51
CA VAL A 246 -12.67 -8.73 -10.72
C VAL A 246 -12.11 -8.80 -12.11
N LEU A 247 -10.92 -9.38 -12.25
CA LEU A 247 -10.27 -9.52 -13.56
C LEU A 247 -9.93 -11.00 -13.78
N ALA A 248 -10.43 -11.56 -14.87
CA ALA A 248 -10.24 -12.99 -15.20
C ALA A 248 -9.69 -13.15 -16.61
N TYR A 249 -8.84 -14.17 -16.78
CA TYR A 249 -8.16 -14.47 -18.02
C TYR A 249 -8.36 -15.93 -18.40
N ASP A 250 -8.63 -16.21 -19.68
CA ASP A 250 -8.66 -17.57 -20.22
C ASP A 250 -8.20 -17.56 -21.66
N ASN A 251 -8.39 -18.66 -22.38
CA ASN A 251 -7.92 -18.75 -23.79
C ASN A 251 -8.91 -18.21 -24.86
N GLY A 252 -9.97 -17.52 -24.43
CA GLY A 252 -11.05 -17.05 -25.34
C GLY A 252 -12.32 -17.88 -25.24
N SER A 253 -12.25 -19.11 -24.75
CA SER A 253 -13.47 -19.91 -24.65
C SER A 253 -13.51 -20.78 -23.41
N GLY A 254 -13.00 -20.24 -22.32
CA GLY A 254 -13.06 -20.88 -21.02
C GLY A 254 -14.06 -20.19 -20.11
N ALA A 255 -13.72 -20.23 -18.81
CA ALA A 255 -14.66 -19.84 -17.78
C ALA A 255 -14.45 -18.41 -17.28
N ALA A 256 -13.66 -17.58 -18.00
CA ALA A 256 -13.32 -16.25 -17.46
C ALA A 256 -14.59 -15.40 -17.19
N ILE A 257 -15.61 -15.53 -18.06
CA ILE A 257 -16.82 -14.76 -17.89
C ILE A 257 -17.59 -15.29 -16.68
N ASP A 258 -17.78 -16.61 -16.61
CA ASP A 258 -18.52 -17.25 -15.48
C ASP A 258 -17.84 -16.95 -14.13
N ALA A 259 -16.52 -17.09 -14.09
CA ALA A 259 -15.76 -16.78 -12.90
C ALA A 259 -15.99 -15.33 -12.50
N CYS A 260 -15.91 -14.43 -13.48
CA CYS A 260 -16.01 -13.03 -13.21
CA CYS A 260 -16.06 -13.00 -13.22
C CYS A 260 -17.46 -12.67 -12.78
N ARG A 261 -18.43 -13.33 -13.40
CA ARG A 261 -19.82 -13.16 -12.99
CA ARG A 261 -19.81 -13.14 -12.99
C ARG A 261 -20.00 -13.56 -11.52
N ASP A 262 -19.58 -14.78 -11.21
CA ASP A 262 -19.82 -15.36 -9.87
C ASP A 262 -19.22 -14.47 -8.82
N LEU A 263 -17.97 -14.05 -9.03
CA LEU A 263 -17.26 -13.29 -8.03
C LEU A 263 -17.75 -11.84 -7.90
N SER A 264 -18.11 -11.23 -9.04
CA SER A 264 -18.66 -9.89 -8.99
C SER A 264 -19.99 -9.92 -8.20
N ASP A 265 -20.82 -10.93 -8.44
CA ASP A 265 -22.09 -10.99 -7.74
C ASP A 265 -21.87 -11.18 -6.21
N MSE A 266 -20.85 -11.96 -5.84
CA MSE A 266 -20.60 -12.22 -4.41
C MSE A 266 -20.14 -10.90 -3.81
O MSE A 266 -20.58 -10.54 -2.73
CB MSE A 266 -19.55 -13.31 -4.20
CG MSE A 266 -20.05 -14.72 -4.52
SE MSE A 266 -18.53 -15.98 -4.35
CE MSE A 266 -18.48 -16.12 -2.37
N LEU A 267 -19.29 -10.18 -4.53
CA LEU A 267 -18.79 -8.94 -3.93
C LEU A 267 -19.93 -7.94 -3.70
N TRP A 268 -20.85 -7.90 -4.66
CA TRP A 268 -21.97 -6.97 -4.61
C TRP A 268 -22.87 -7.30 -3.42
N LYS A 269 -23.25 -8.56 -3.35
CA LYS A 269 -24.10 -9.08 -2.28
C LYS A 269 -23.48 -8.78 -0.92
N ALA A 270 -22.16 -8.73 -0.88
CA ALA A 270 -21.43 -8.58 0.40
C ALA A 270 -21.09 -7.13 0.71
N ARG A 271 -21.54 -6.19 -0.11
CA ARG A 271 -21.04 -4.79 -0.04
C ARG A 271 -21.17 -4.13 1.30
N ASP A 272 -22.26 -4.37 2.03
CA ASP A 272 -22.37 -3.81 3.40
C ASP A 272 -21.72 -4.64 4.54
N GLU A 273 -21.23 -5.85 4.20
CA GLU A 273 -20.45 -6.68 5.14
C GLU A 273 -19.04 -6.13 5.40
N PHE A 274 -18.57 -5.25 4.53
CA PHE A 274 -17.26 -4.68 4.66
C PHE A 274 -17.32 -3.47 5.55
N GLN A 275 -17.79 -3.68 6.78
CA GLN A 275 -17.81 -2.65 7.80
C GLN A 275 -17.38 -3.24 9.15
N GLU A 276 -16.95 -2.38 10.06
CA GLU A 276 -16.49 -2.86 11.37
C GLU A 276 -16.75 -1.81 12.43
N GLN A 277 -16.84 -2.27 13.68
CA GLN A 277 -16.88 -1.40 14.82
C GLN A 277 -15.56 -1.53 15.56
N LEU A 278 -14.65 -0.61 15.34
CA LEU A 278 -13.38 -0.62 16.05
C LEU A 278 -13.59 -0.13 17.48
N MSE A 279 -12.72 -0.57 18.37
CA MSE A 279 -12.80 -0.20 19.78
C MSE A 279 -12.40 1.25 19.91
O MSE A 279 -11.50 1.72 19.22
CB MSE A 279 -11.85 -1.10 20.60
CG MSE A 279 -11.90 -0.78 22.10
SE MSE A 279 -10.65 -1.77 23.16
CE MSE A 279 -11.18 -3.59 22.74
N SER A 280 -13.05 1.97 20.80
CA SER A 280 -12.71 3.36 21.05
C SER A 280 -11.34 3.50 21.67
N VAL A 281 -10.74 4.69 21.52
CA VAL A 281 -9.46 5.02 22.11
C VAL A 281 -9.54 4.98 23.64
N ASP A 282 -10.66 5.44 24.21
CA ASP A 282 -10.81 5.43 25.66
C ASP A 282 -10.81 4.00 26.18
N LYS A 283 -11.61 3.12 25.59
CA LYS A 283 -11.65 1.72 26.03
C LYS A 283 -10.28 1.08 25.90
N ALA A 284 -9.63 1.24 24.74
CA ALA A 284 -8.30 0.64 24.53
C ALA A 284 -7.25 1.16 25.55
N LEU A 285 -7.23 2.46 25.81
CA LEU A 285 -6.27 3.01 26.77
C LEU A 285 -6.56 2.53 28.21
N GLU A 286 -7.81 2.20 28.49
CA GLU A 286 -8.14 1.62 29.79
C GLU A 286 -7.67 0.16 29.93
N ILE A 287 -7.72 -0.62 28.85
CA ILE A 287 -7.09 -1.97 28.81
C ILE A 287 -5.56 -1.84 29.10
N ALA A 288 -4.95 -0.87 28.46
CA ALA A 288 -3.53 -0.62 28.62
C ALA A 288 -3.18 -0.29 30.08
N ARG A 289 -4.06 0.47 30.73
CA ARG A 289 -3.86 0.93 32.10
C ARG A 289 -3.96 -0.23 33.10
N THR A 290 -4.69 -1.27 32.73
CA THR A 290 -4.97 -2.36 33.63
C THR A 290 -4.31 -3.64 33.16
N SER A 291 -3.40 -3.58 32.20
CA SER A 291 -2.74 -4.79 31.67
C SER A 291 -1.25 -4.72 31.90
N ARG A 292 -0.64 -5.85 32.21
CA ARG A 292 0.82 -5.94 32.25
C ARG A 292 1.36 -5.95 30.82
N GLN A 293 0.60 -6.52 29.89
CA GLN A 293 1.09 -6.56 28.50
C GLN A 293 1.04 -5.15 27.89
N LEU A 294 2.08 -4.81 27.15
CA LEU A 294 2.10 -3.60 26.33
C LEU A 294 0.91 -3.61 25.35
N LEU A 295 0.25 -2.48 25.15
CA LEU A 295 -0.74 -2.35 24.06
C LEU A 295 -0.10 -1.67 22.88
N ALA A 296 -0.32 -2.21 21.71
CA ALA A 296 0.08 -1.57 20.46
C ALA A 296 -1.19 -1.14 19.73
N LEU A 297 -1.44 0.18 19.64
CA LEU A 297 -2.68 0.73 19.08
C LEU A 297 -2.49 1.20 17.62
N GLY A 298 -3.23 0.57 16.73
CA GLY A 298 -3.37 1.00 15.34
C GLY A 298 -4.28 2.22 15.21
N ASP A 299 -3.69 3.36 14.82
CA ASP A 299 -4.40 4.62 14.64
C ASP A 299 -5.13 4.63 13.28
N GLN A 300 -6.32 4.03 13.23
CA GLN A 300 -7.03 3.72 11.99
C GLN A 300 -7.22 4.96 11.15
N GLY A 301 -7.53 6.07 11.82
CA GLY A 301 -7.81 7.32 11.12
C GLY A 301 -6.65 8.07 10.51
N ASP A 302 -5.43 7.69 10.89
CA ASP A 302 -4.23 8.32 10.39
C ASP A 302 -3.07 7.35 10.19
N ARG A 303 -3.27 6.49 9.21
CA ARG A 303 -2.32 5.48 8.83
C ARG A 303 -1.49 5.93 7.65
N VAL A 304 -0.17 6.01 7.84
CA VAL A 304 0.77 6.21 6.73
C VAL A 304 0.69 5.01 5.81
N MSE A 305 0.42 3.83 6.35
CA MSE A 305 0.20 2.65 5.50
C MSE A 305 -1.06 2.73 4.64
O MSE A 305 -1.18 1.94 3.69
CB MSE A 305 0.16 1.36 6.33
CG MSE A 305 1.49 0.78 6.59
SE MSE A 305 2.63 0.32 5.09
CE MSE A 305 1.61 -1.18 4.40
N GLY A 306 -1.99 3.63 5.00
CA GLY A 306 -3.16 3.97 4.19
C GLY A 306 -2.99 5.27 3.43
N ALA A 307 -1.74 5.75 3.38
CA ALA A 307 -1.31 6.95 2.65
C ALA A 307 -1.75 8.25 3.34
N GLY A 308 -2.17 8.11 4.59
CA GLY A 308 -2.35 9.29 5.42
C GLY A 308 -1.03 9.94 5.80
N PRO A 309 -1.08 11.17 6.28
CA PRO A 309 0.09 11.95 6.68
C PRO A 309 0.79 11.56 8.02
N GLY A 310 0.05 10.97 8.95
CA GLY A 310 0.66 10.57 10.23
C GLY A 310 0.98 11.77 11.12
N ASP A 311 0.22 12.86 10.96
CA ASP A 311 0.34 14.01 11.82
C ASP A 311 -0.67 14.02 12.97
N SER A 312 -1.48 12.97 13.16
CA SER A 312 -2.48 13.02 14.24
C SER A 312 -1.88 12.79 15.65
N PRO A 313 -1.97 13.80 16.53
CA PRO A 313 -1.62 13.63 17.93
C PRO A 313 -2.81 13.19 18.75
N GLU A 314 -3.88 12.69 18.12
CA GLU A 314 -5.12 12.42 18.83
C GLU A 314 -4.97 11.43 20.01
N ILE A 315 -4.28 10.30 19.79
CA ILE A 315 -4.15 9.28 20.84
C ILE A 315 -3.35 9.88 22.03
N ALA A 316 -2.34 10.69 21.73
CA ALA A 316 -1.60 11.44 22.76
C ALA A 316 -2.51 12.41 23.52
N ARG A 317 -3.46 13.00 22.80
CA ARG A 317 -4.39 13.94 23.43
C ARG A 317 -5.24 13.23 24.47
N VAL A 318 -5.88 12.14 24.05
CA VAL A 318 -6.77 11.40 24.93
C VAL A 318 -5.99 10.87 26.16
N ALA A 319 -4.79 10.34 25.93
CA ALA A 319 -3.95 9.88 27.03
C ALA A 319 -3.68 11.00 28.05
N LEU A 320 -3.23 12.16 27.57
CA LEU A 320 -2.99 13.32 28.41
C LEU A 320 -4.21 13.77 29.20
N GLU A 321 -5.34 13.87 28.52
CA GLU A 321 -6.54 14.45 29.07
C GLU A 321 -7.40 13.48 29.89
N HIS A 322 -7.44 12.22 29.50
CA HIS A 322 -8.28 11.22 30.18
C HIS A 322 -7.52 10.17 31.00
N PHE A 323 -6.22 10.00 30.74
CA PHE A 323 -5.44 8.99 31.51
C PHE A 323 -4.11 9.56 31.95
N PRO A 324 -4.16 10.58 32.81
CA PRO A 324 -2.95 11.10 33.35
C PRO A 324 -2.15 10.00 34.05
N GLY A 325 -0.83 10.01 33.82
CA GLY A 325 0.05 9.00 34.34
C GLY A 325 0.24 7.83 33.41
N LEU A 326 -0.66 7.61 32.44
CA LEU A 326 -0.55 6.46 31.55
C LEU A 326 0.59 6.72 30.54
N LYS A 327 1.52 5.78 30.44
CA LYS A 327 2.73 5.98 29.64
C LYS A 327 2.40 5.56 28.20
N VAL A 328 2.23 6.53 27.31
CA VAL A 328 1.88 6.27 25.90
C VAL A 328 2.87 6.99 25.01
N ALA A 329 3.33 6.30 23.94
CA ALA A 329 4.20 6.90 22.93
C ALA A 329 3.50 6.90 21.55
N VAL A 330 3.62 8.04 20.87
CA VAL A 330 2.97 8.29 19.56
C VAL A 330 3.96 8.98 18.63
N PRO A 331 4.13 8.45 17.40
CA PRO A 331 4.93 9.04 16.37
C PRO A 331 4.06 10.01 15.55
N VAL A 332 4.55 11.24 15.39
CA VAL A 332 3.79 12.33 14.78
C VAL A 332 4.61 13.12 13.75
N TYR A 333 4.06 13.23 12.55
CA TYR A 333 4.67 14.02 11.46
C TYR A 333 4.56 15.51 11.80
N ASP A 334 5.69 16.16 11.94
CA ASP A 334 5.71 17.57 12.22
C ASP A 334 7.11 18.14 12.00
N PRO A 335 7.42 18.49 10.76
CA PRO A 335 8.78 18.90 10.43
C PRO A 335 9.22 20.17 11.16
N GLN A 336 8.28 21.10 11.30
CA GLN A 336 8.51 22.35 12.07
C GLN A 336 8.82 22.09 13.55
N ALA A 337 8.12 21.13 14.13
CA ALA A 337 8.32 20.80 15.54
C ALA A 337 9.75 20.27 15.71
N VAL A 338 10.18 19.37 14.83
CA VAL A 338 11.56 18.91 14.81
C VAL A 338 12.51 20.09 14.78
N ARG A 339 12.28 21.06 13.88
CA ARG A 339 13.22 22.19 13.73
C ARG A 339 13.24 23.08 14.97
N THR A 340 12.06 23.36 15.53
CA THR A 340 11.94 24.07 16.80
C THR A 340 12.69 23.34 17.91
N ALA A 341 12.52 22.01 17.96
CA ALA A 341 13.19 21.20 18.97
C ALA A 341 14.70 21.25 18.80
N ARG A 342 15.17 21.07 17.56
CA ARG A 342 16.61 21.07 17.27
C ARG A 342 17.28 22.38 17.66
N GLU A 343 16.54 23.48 17.56
CA GLU A 343 17.06 24.82 17.94
C GLU A 343 17.12 24.99 19.44
N ALA A 344 16.09 24.54 20.16
CA ALA A 344 16.06 24.62 21.63
C ALA A 344 17.13 23.73 22.22
N GLY A 345 17.31 22.55 21.63
CA GLY A 345 18.32 21.59 22.08
C GLY A 345 17.73 20.63 23.11
N GLU A 346 18.38 19.46 23.22
CA GLU A 346 18.01 18.45 24.24
C GLU A 346 17.98 19.07 25.64
N ASN A 347 16.96 18.72 26.41
CA ASN A 347 16.74 19.21 27.77
C ASN A 347 15.92 20.49 27.94
N ALA A 348 15.71 21.24 26.86
CA ALA A 348 14.86 22.42 26.90
C ALA A 348 13.37 22.08 27.01
N THR A 349 12.59 22.98 27.59
CA THR A 349 11.14 22.90 27.48
C THR A 349 10.59 24.04 26.63
N VAL A 350 9.74 23.69 25.66
CA VAL A 350 9.20 24.67 24.70
C VAL A 350 7.69 24.50 24.64
N ARG A 351 6.94 25.58 24.83
CA ARG A 351 5.50 25.53 24.58
C ARG A 351 5.34 25.42 23.06
N MSE A 352 4.49 24.50 22.62
CA MSE A 352 4.50 24.12 21.21
C MSE A 352 3.25 23.34 20.83
O MSE A 352 2.80 22.50 21.59
CB MSE A 352 5.74 23.25 21.00
CG MSE A 352 6.18 23.06 19.58
SE MSE A 352 8.00 22.31 19.62
CE MSE A 352 8.03 21.46 21.33
N ALA A 353 2.68 23.64 19.67
CA ALA A 353 1.55 22.84 19.12
C ALA A 353 2.12 21.78 18.18
N VAL A 354 1.99 20.50 18.57
CA VAL A 354 2.54 19.40 17.79
CA VAL A 354 2.54 19.38 17.82
C VAL A 354 1.43 18.63 17.07
N GLY A 355 1.74 18.23 15.83
CA GLY A 355 0.81 17.49 15.00
C GLY A 355 -0.30 18.37 14.47
N GLY A 356 -1.18 17.79 13.68
CA GLY A 356 -2.44 18.43 13.29
C GLY A 356 -2.36 19.55 12.26
N ALA A 357 -1.17 19.83 11.76
CA ALA A 357 -1.00 20.83 10.70
C ALA A 357 -1.60 20.39 9.35
N PHE A 358 -1.84 19.10 9.15
CA PHE A 358 -2.29 18.59 7.85
C PHE A 358 -3.66 17.90 7.84
N THR A 359 -4.04 17.24 8.92
CA THR A 359 -5.33 16.56 8.97
C THR A 359 -6.32 17.58 9.59
N HIS A 360 -7.22 18.12 8.74
CA HIS A 360 -8.28 19.09 9.15
C HIS A 360 -9.05 18.59 10.39
N SER A 361 -9.21 17.28 10.49
CA SER A 361 -10.06 16.60 11.44
C SER A 361 -9.54 16.43 12.90
N VAL A 362 -8.29 16.82 13.16
CA VAL A 362 -7.72 16.71 14.50
C VAL A 362 -6.97 17.98 14.83
N ALA A 363 -6.91 18.34 16.12
CA ALA A 363 -6.31 19.61 16.53
C ALA A 363 -4.84 19.40 16.83
N PRO A 364 -4.00 20.43 16.58
CA PRO A 364 -2.64 20.30 17.10
C PRO A 364 -2.70 20.14 18.63
N LEU A 365 -1.68 19.50 19.20
CA LEU A 365 -1.60 19.28 20.65
C LEU A 365 -0.57 20.25 21.26
N GLU A 366 -1.06 21.24 22.00
CA GLU A 366 -0.20 22.31 22.48
C GLU A 366 0.08 22.10 23.96
N ARG A 367 1.37 22.05 24.31
CA ARG A 367 1.84 21.82 25.70
C ARG A 367 3.28 22.38 25.87
N ASP A 368 3.73 22.44 27.12
CA ASP A 368 5.14 22.60 27.44
C ASP A 368 5.81 21.24 27.20
N TRP A 369 6.41 21.08 26.01
CA TRP A 369 7.08 19.84 25.65
C TRP A 369 8.56 19.89 26.08
N THR A 370 9.04 18.85 26.75
CA THR A 370 10.47 18.72 27.00
C THR A 370 11.15 17.82 25.96
N VAL A 371 12.27 18.31 25.45
CA VAL A 371 13.00 17.69 24.37
C VAL A 371 13.95 16.71 25.00
N ARG A 372 13.59 15.43 25.02
CA ARG A 372 14.43 14.42 25.66
C ARG A 372 15.58 13.98 24.76
N LYS A 373 15.34 13.85 23.47
CA LYS A 373 16.38 13.35 22.61
C LYS A 373 16.19 13.91 21.18
N LEU A 374 17.30 14.26 20.54
CA LEU A 374 17.32 14.58 19.12
C LEU A 374 18.10 13.48 18.45
N CYS A 375 17.49 12.85 17.48
CA CYS A 375 18.17 11.80 16.77
C CYS A 375 17.51 11.61 15.45
N ARG A 376 18.06 10.72 14.65
CA ARG A 376 17.52 10.39 13.34
C ARG A 376 16.58 9.20 13.43
N ALA A 377 15.39 9.27 12.83
CA ALA A 377 14.44 8.12 12.87
C ALA A 377 14.74 7.07 11.79
N ARG A 378 15.93 6.53 11.86
CA ARG A 378 16.45 5.55 10.93
C ARG A 378 16.61 4.20 11.64
N PHE A 379 16.22 3.10 11.02
CA PHE A 379 16.23 1.78 11.69
C PHE A 379 15.93 0.71 10.69
N THR A 380 16.03 -0.55 11.11
CA THR A 380 15.67 -1.68 10.27
C THR A 380 14.43 -2.35 10.86
N ASN A 381 13.38 -2.49 10.04
CA ASN A 381 12.19 -3.28 10.41
C ASN A 381 12.54 -4.76 10.72
N ILE A 382 12.12 -5.21 11.91
CA ILE A 382 12.24 -6.64 12.25
C ILE A 382 11.27 -7.47 11.40
N GLY A 383 10.04 -6.96 11.22
CA GLY A 383 9.01 -7.62 10.42
C GLY A 383 8.12 -8.46 11.30
N PRO A 384 7.46 -9.48 10.71
CA PRO A 384 7.59 -10.06 9.36
C PRO A 384 7.39 -9.09 8.20
N TYR A 385 6.42 -8.18 8.29
CA TYR A 385 6.09 -7.32 7.15
C TYR A 385 7.31 -6.43 6.90
N MSE A 386 7.83 -6.51 5.69
CA MSE A 386 9.04 -5.76 5.31
C MSE A 386 10.23 -6.06 6.20
O MSE A 386 11.03 -5.19 6.44
CB MSE A 386 8.76 -4.26 5.38
CG MSE A 386 7.54 -3.86 4.60
SE MSE A 386 8.08 -3.90 2.77
CE MSE A 386 9.32 -2.38 2.88
N ALA A 387 10.30 -7.28 6.71
CA ALA A 387 11.46 -7.76 7.48
C ALA A 387 12.78 -7.41 6.77
N GLY A 388 13.75 -6.89 7.51
CA GLY A 388 15.05 -6.60 6.93
C GLY A 388 15.12 -5.25 6.21
N THR A 389 13.98 -4.63 5.90
CA THR A 389 14.01 -3.38 5.13
CA THR A 389 14.01 -3.38 5.13
C THR A 389 14.35 -2.15 6.02
N GLU A 390 15.25 -1.30 5.53
CA GLU A 390 15.65 -0.12 6.26
C GLU A 390 14.63 1.01 6.08
N ALA A 391 14.45 1.86 7.08
CA ALA A 391 13.50 2.92 7.01
C ALA A 391 14.17 4.17 7.52
N ASP A 392 13.70 5.31 7.04
CA ASP A 392 14.24 6.58 7.50
C ASP A 392 13.15 7.63 7.47
N PHE A 393 12.63 7.99 8.64
CA PHE A 393 11.61 9.02 8.71
C PHE A 393 12.17 10.42 9.05
N GLY A 394 13.46 10.64 8.77
CA GLY A 394 14.08 11.95 8.90
C GLY A 394 14.63 12.29 10.27
N ASP A 395 14.99 13.55 10.45
CA ASP A 395 15.36 14.04 11.77
C ASP A 395 14.14 13.97 12.69
N ALA A 396 14.39 13.62 13.94
CA ALA A 396 13.32 13.38 14.92
C ALA A 396 13.65 14.02 16.23
N ALA A 397 12.62 14.35 16.99
CA ALA A 397 12.76 14.82 18.35
C ALA A 397 11.78 14.03 19.21
N VAL A 398 12.29 13.45 20.29
CA VAL A 398 11.48 12.74 21.28
C VAL A 398 11.07 13.78 22.32
N LEU A 399 9.77 14.02 22.43
CA LEU A 399 9.22 15.05 23.23
C LEU A 399 8.39 14.42 24.33
N THR A 400 8.39 15.01 25.53
CA THR A 400 7.54 14.51 26.60
C THR A 400 6.75 15.61 27.26
N CYS A 401 5.60 15.19 27.78
CA CYS A 401 4.77 16.03 28.63
C CYS A 401 3.93 15.07 29.45
N ASP A 402 3.88 15.31 30.76
CA ASP A 402 3.34 14.34 31.72
C ASP A 402 3.88 12.96 31.40
N ALA A 403 3.03 11.92 31.29
CA ALA A 403 3.58 10.61 31.03
C ALA A 403 3.56 10.26 29.52
N VAL A 404 3.24 11.24 28.65
CA VAL A 404 3.12 10.95 27.21
C VAL A 404 4.44 11.29 26.50
N THR A 405 4.87 10.45 25.58
CA THR A 405 6.03 10.72 24.72
C THR A 405 5.51 10.88 23.26
N VAL A 406 5.84 11.99 22.61
CA VAL A 406 5.55 12.17 21.19
C VAL A 406 6.85 12.26 20.45
N ILE A 407 7.05 11.35 19.50
CA ILE A 407 8.22 11.43 18.66
C ILE A 407 7.83 12.14 17.38
N VAL A 408 8.28 13.37 17.21
CA VAL A 408 8.02 14.13 16.00
C VAL A 408 9.09 13.84 14.94
N THR A 409 8.64 13.68 13.69
CA THR A 409 9.48 13.31 12.57
C THR A 409 9.32 14.25 11.35
N THR A 410 10.40 14.31 10.56
CA THR A 410 10.53 15.22 9.43
C THR A 410 9.94 14.63 8.17
N MSE A 411 9.88 13.29 8.08
CA MSE A 411 9.24 12.61 6.96
C MSE A 411 8.15 11.70 7.48
O MSE A 411 8.11 11.46 8.68
CB MSE A 411 10.26 11.87 6.10
CG MSE A 411 11.09 12.84 5.20
SE MSE A 411 12.33 11.89 4.04
CE MSE A 411 13.66 11.47 5.47
N ALA A 412 7.26 11.21 6.60
CA ALA A 412 6.10 10.46 7.03
C ALA A 412 6.49 9.27 7.95
N PRO A 413 5.89 9.19 9.14
CA PRO A 413 6.26 8.15 10.11
C PRO A 413 5.49 6.86 9.85
N ASN A 414 5.99 6.09 8.89
CA ASN A 414 5.41 4.79 8.57
C ASN A 414 5.75 3.73 9.64
N VAL A 415 5.27 3.98 10.86
CA VAL A 415 5.55 3.10 12.00
C VAL A 415 4.62 1.91 11.97
N HIS A 416 5.13 0.78 11.58
CA HIS A 416 4.38 -0.48 11.68
C HIS A 416 5.22 -1.59 12.31
N ASP A 417 6.27 -1.22 13.04
CA ASP A 417 7.26 -2.20 13.52
C ASP A 417 7.86 -1.75 14.85
N PRO A 418 8.16 -2.68 15.77
CA PRO A 418 8.71 -2.25 17.05
C PRO A 418 10.13 -1.63 16.98
N ALA A 419 10.94 -1.98 15.98
CA ALA A 419 12.30 -1.42 15.84
C ALA A 419 12.31 0.12 15.84
N PHE A 420 11.24 0.74 15.35
CA PHE A 420 11.21 2.22 15.34
C PHE A 420 11.43 2.77 16.76
N TYR A 421 10.68 2.23 17.72
CA TYR A 421 10.67 2.76 19.08
C TYR A 421 12.05 2.60 19.74
N GLU A 422 12.65 1.45 19.52
CA GLU A 422 14.02 1.19 20.05
C GLU A 422 15.04 2.10 19.37
N ALA A 423 14.92 2.31 18.05
CA ALA A 423 15.88 3.17 17.36
C ALA A 423 15.89 4.62 17.86
N VAL A 424 14.73 5.19 18.17
CA VAL A 424 14.67 6.58 18.70
C VAL A 424 14.76 6.67 20.22
N GLY A 425 15.08 5.54 20.86
CA GLY A 425 15.37 5.56 22.30
C GLY A 425 14.14 5.69 23.16
N VAL A 426 13.01 5.14 22.71
CA VAL A 426 11.82 5.07 23.53
C VAL A 426 11.55 3.58 23.70
N PRO A 427 12.23 2.91 24.66
CA PRO A 427 12.09 1.45 24.70
C PRO A 427 10.68 1.00 24.99
N LEU A 428 10.29 -0.07 24.32
CA LEU A 428 8.97 -0.59 24.44
C LEU A 428 8.63 -0.93 25.89
N ALA A 429 9.56 -1.54 26.61
CA ALA A 429 9.33 -1.91 28.04
C ALA A 429 9.02 -0.70 28.92
N SER A 430 9.42 0.48 28.49
CA SER A 430 9.16 1.70 29.23
C SER A 430 7.73 2.26 29.04
N GLN A 431 6.95 1.72 28.12
CA GLN A 431 5.62 2.27 27.84
C GLN A 431 4.51 1.30 28.20
N GLN A 432 3.29 1.80 28.42
CA GLN A 432 2.12 0.94 28.58
C GLN A 432 1.33 0.81 27.27
N ALA A 433 1.50 1.77 26.35
CA ALA A 433 0.89 1.67 25.02
C ALA A 433 1.75 2.46 24.05
N VAL A 434 1.86 1.95 22.83
CA VAL A 434 2.49 2.66 21.73
C VAL A 434 1.58 2.63 20.49
N VAL A 435 1.84 3.50 19.53
CA VAL A 435 0.99 3.63 18.37
C VAL A 435 1.65 3.11 17.09
N ALA A 436 0.89 2.37 16.29
CA ALA A 436 1.30 1.99 14.95
C ALA A 436 0.41 2.75 13.94
N ARG A 437 0.99 3.24 12.86
CA ARG A 437 0.21 3.98 11.86
C ARG A 437 -0.21 3.03 10.70
N ALA A 438 -0.99 2.04 11.06
CA ALA A 438 -1.40 0.97 10.17
C ALA A 438 -2.55 0.31 10.90
N ALA A 439 -3.34 -0.45 10.15
CA ALA A 439 -4.47 -1.13 10.72
C ALA A 439 -4.26 -2.64 10.79
N ASN A 440 -3.63 -3.18 9.76
CA ASN A 440 -3.53 -4.63 9.59
C ASN A 440 -2.08 -5.07 9.58
N HIS A 441 -1.21 -4.27 8.95
CA HIS A 441 0.17 -4.68 8.72
C HIS A 441 1.11 -4.58 9.93
N TYR A 442 0.71 -3.96 11.02
CA TYR A 442 1.57 -3.90 12.23
C TYR A 442 1.34 -5.10 13.15
N LYS A 443 0.20 -5.79 13.01
CA LYS A 443 -0.21 -6.78 14.02
C LYS A 443 0.79 -7.93 14.19
N LEU A 444 1.17 -8.55 13.07
CA LEU A 444 2.16 -9.62 13.12
C LEU A 444 3.49 -9.12 13.69
N SER A 445 3.90 -7.93 13.31
CA SER A 445 5.15 -7.39 13.78
C SER A 445 5.19 -7.18 15.30
N PHE A 446 4.04 -6.97 15.94
CA PHE A 446 3.97 -6.72 17.40
C PHE A 446 3.40 -7.88 18.20
N ALA A 447 3.00 -8.95 17.52
CA ALA A 447 2.21 -10.03 18.11
C ALA A 447 2.90 -10.65 19.30
N ASP A 448 4.21 -10.74 19.24
CA ASP A 448 4.94 -11.46 20.26
C ASP A 448 5.11 -10.63 21.56
N ILE A 449 5.05 -9.30 21.45
CA ILE A 449 5.38 -8.43 22.57
C ILE A 449 4.24 -7.50 22.97
N ALA A 450 3.12 -7.56 22.28
CA ALA A 450 2.01 -6.66 22.61
C ALA A 450 0.67 -7.24 22.25
N ARG A 451 -0.34 -6.82 23.00
CA ARG A 451 -1.72 -6.93 22.55
C ARG A 451 -1.95 -5.83 21.52
N THR A 452 -2.47 -6.20 20.36
CA THR A 452 -2.66 -5.26 19.24
C THR A 452 -4.14 -4.95 19.11
N ILE A 453 -4.54 -3.69 19.26
CA ILE A 453 -5.91 -3.21 19.05
C ILE A 453 -5.87 -2.00 18.05
N THR A 454 -6.62 -2.13 16.95
CA THR A 454 -6.83 -1.03 16.02
C THR A 454 -8.02 -0.22 16.52
N VAL A 455 -7.77 1.05 16.79
CA VAL A 455 -8.72 1.92 17.47
C VAL A 455 -9.41 2.91 16.51
N ASP A 456 -10.62 3.33 16.90
CA ASP A 456 -11.51 4.11 16.05
C ASP A 456 -11.17 5.57 16.19
N THR A 457 -10.10 5.98 15.51
CA THR A 457 -9.69 7.38 15.53
C THR A 457 -10.14 8.11 14.25
N PRO A 458 -10.15 9.43 14.32
CA PRO A 458 -10.47 10.21 13.15
C PRO A 458 -9.23 10.51 12.29
N GLY A 459 -9.51 10.91 11.06
CA GLY A 459 -8.51 11.45 10.17
C GLY A 459 -8.66 11.01 8.73
N LEU A 460 -7.58 11.18 7.97
CA LEU A 460 -7.67 11.10 6.52
C LEU A 460 -7.73 9.67 6.03
N THR A 461 -7.63 8.70 6.93
CA THR A 461 -7.72 7.26 6.58
C THR A 461 -8.80 6.50 7.32
N ALA A 462 -9.69 7.22 8.00
CA ALA A 462 -10.95 6.64 8.50
C ALA A 462 -11.74 6.07 7.33
N PHE A 463 -12.38 4.93 7.54
CA PHE A 463 -13.23 4.32 6.52
C PHE A 463 -14.59 4.97 6.50
N LYS A 464 -14.60 6.22 6.09
CA LYS A 464 -15.78 7.07 6.06
C LYS A 464 -15.81 7.87 4.74
N PRO A 465 -16.25 7.22 3.65
CA PRO A 465 -16.31 7.89 2.33
C PRO A 465 -17.04 9.21 2.33
N HIS A 466 -18.12 9.32 3.09
CA HIS A 466 -18.88 10.58 3.17
C HIS A 466 -18.07 11.76 3.71
N GLN A 467 -16.90 11.54 4.32
CA GLN A 467 -16.12 12.68 4.82
CA GLN A 467 -16.12 12.67 4.83
C GLN A 467 -15.24 13.30 3.74
N PHE A 468 -15.15 12.65 2.60
CA PHE A 468 -14.24 13.14 1.55
C PHE A 468 -15.01 13.71 0.37
N PRO A 469 -14.51 14.81 -0.17
CA PRO A 469 -15.08 15.44 -1.36
C PRO A 469 -14.73 14.69 -2.68
N PHE A 470 -15.21 13.46 -2.82
CA PHE A 470 -15.06 12.71 -4.06
C PHE A 470 -15.88 13.50 -5.06
N THR A 471 -15.33 13.68 -6.24
CA THR A 471 -16.00 14.39 -7.31
C THR A 471 -16.02 13.42 -8.48
N GLN A 472 -14.87 13.22 -9.11
CA GLN A 472 -14.92 12.39 -10.32
C GLN A 472 -15.03 10.89 -10.05
N ALA A 473 -14.92 10.47 -8.79
CA ALA A 473 -15.11 9.05 -8.44
C ALA A 473 -16.58 8.64 -8.48
N ARG A 474 -17.46 9.60 -8.20
CA ARG A 474 -18.87 9.32 -8.07
C ARG A 474 -19.49 9.14 -9.45
N PRO A 475 -20.57 8.34 -9.54
CA PRO A 475 -21.24 7.63 -8.42
C PRO A 475 -20.63 6.30 -7.95
N PHE A 476 -20.55 6.09 -6.63
CA PHE A 476 -20.26 4.77 -6.04
C PHE A 476 -20.98 4.56 -4.70
N TYR A 477 -21.27 3.31 -4.38
CA TYR A 477 -21.89 2.96 -3.10
C TYR A 477 -20.79 2.94 -2.03
N PRO A 478 -21.02 3.48 -0.82
CA PRO A 478 -22.23 3.83 -0.13
C PRO A 478 -22.81 5.20 -0.35
N LEU A 479 -22.05 6.14 -0.96
CA LEU A 479 -22.51 7.55 -1.15
C LEU A 479 -23.70 7.63 -2.10
N ASP A 480 -23.71 6.81 -3.13
CA ASP A 480 -24.76 6.82 -4.13
C ASP A 480 -25.43 5.45 -4.17
N ILE A 481 -26.76 5.44 -4.19
CA ILE A 481 -27.51 4.19 -4.24
C ILE A 481 -27.69 3.73 -5.68
N VAL A 482 -26.80 2.87 -6.16
CA VAL A 482 -26.78 2.53 -7.58
C VAL A 482 -27.26 1.09 -7.80
N GLN A 483 -27.88 0.88 -8.95
CA GLN A 483 -28.46 -0.39 -9.30
C GLN A 483 -27.53 -1.19 -10.20
N TRP A 484 -26.47 -1.71 -9.65
CA TRP A 484 -25.55 -2.48 -10.42
C TRP A 484 -26.04 -3.86 -10.84
N SER A 485 -25.65 -4.28 -12.03
CA SER A 485 -25.64 -5.69 -12.36
C SER A 485 -24.46 -5.96 -13.26
N PHE A 486 -24.04 -7.21 -13.26
CA PHE A 486 -22.88 -7.63 -14.02
C PHE A 486 -22.84 -7.17 -15.52
N ALA A 487 -21.80 -6.43 -15.89
CA ALA A 487 -21.69 -5.85 -17.23
C ALA A 487 -20.20 -5.77 -17.52
N PRO A 488 -19.59 -6.87 -17.95
CA PRO A 488 -18.15 -6.90 -18.11
C PRO A 488 -17.65 -6.23 -19.40
N LEU A 489 -16.39 -5.79 -19.40
CA LEU A 489 -15.67 -5.46 -20.61
C LEU A 489 -14.88 -6.69 -20.99
N GLU A 490 -14.79 -6.95 -22.30
CA GLU A 490 -14.06 -8.07 -22.82
C GLU A 490 -12.93 -7.55 -23.69
N CYS A 491 -11.80 -8.20 -23.55
CA CYS A 491 -10.61 -7.72 -24.18
C CYS A 491 -9.87 -8.90 -24.79
N ASN A 492 -9.45 -8.76 -26.06
CA ASN A 492 -8.86 -9.84 -26.85
C ASN A 492 -9.82 -11.02 -27.08
N LYS A 493 -11.07 -10.69 -27.40
CA LYS A 493 -12.06 -11.69 -27.82
C LYS A 493 -11.52 -12.49 -29.01
N VAL A 494 -11.71 -13.81 -28.96
CA VAL A 494 -11.20 -14.76 -29.93
C VAL A 494 -12.40 -15.34 -30.68
ZN ZN B . -2.06 -3.24 -0.40
N1 IMD C . -0.47 0.17 1.67
C2 IMD C . -1.47 -0.75 1.55
N3 IMD C . -1.04 -1.77 0.76
C4 IMD C . 0.24 -1.54 0.44
C5 IMD C . 0.61 -0.31 0.98
S SO4 D . -2.91 -1.17 6.79
O1 SO4 D . -1.98 -1.83 7.66
O2 SO4 D . -4.15 -1.90 6.89
O3 SO4 D . -3.00 0.26 7.13
O4 SO4 D . -2.34 -1.25 5.45
S SO4 E . 17.82 15.36 5.24
O1 SO4 E . 16.56 14.69 5.58
O2 SO4 E . 18.42 14.67 4.10
O3 SO4 E . 17.53 16.77 4.94
O4 SO4 E . 18.76 15.34 6.35
S SO4 F . 9.48 22.37 5.44
O1 SO4 F . 8.34 22.24 6.33
O2 SO4 F . 9.08 22.01 4.09
O3 SO4 F . 10.00 23.75 5.47
O4 SO4 F . 10.53 21.44 5.85
S SO4 G . -12.91 14.41 24.66
O1 SO4 G . -13.80 13.91 25.70
O2 SO4 G . -13.66 15.21 23.69
O3 SO4 G . -11.88 15.25 25.28
O4 SO4 G . -12.30 13.28 23.97
S SO4 H . -17.35 -17.42 -24.04
O1 SO4 H . -16.51 -18.15 -23.10
O2 SO4 H . -18.76 -17.62 -23.68
O3 SO4 H . -17.10 -15.99 -24.02
O4 SO4 H . -17.08 -17.88 -25.40
S SO4 I . -18.75 7.65 14.79
O1 SO4 I . -19.42 8.62 15.65
O2 SO4 I . -19.57 7.10 13.71
O3 SO4 I . -17.63 8.37 14.20
O4 SO4 I . -18.33 6.50 15.58
S SO4 J . 25.43 -1.65 -13.73
O1 SO4 J . 25.14 -1.11 -12.41
O2 SO4 J . 24.96 -0.72 -14.77
O3 SO4 J . 26.88 -1.85 -13.89
O4 SO4 J . 24.75 -2.94 -13.89
S SO4 K . -7.91 0.18 39.28
O1 SO4 K . -8.44 -0.78 40.26
O2 SO4 K . -8.55 1.48 39.47
O3 SO4 K . -6.46 0.34 39.46
O4 SO4 K . -8.18 -0.37 37.95
S SO4 L . 23.09 16.17 13.54
O1 SO4 L . 23.09 16.51 14.96
O2 SO4 L . 22.01 15.22 13.28
O3 SO4 L . 22.86 17.36 12.73
O4 SO4 L . 24.36 15.62 13.13
S SO4 M . -18.52 -27.20 -16.17
O1 SO4 M . -18.95 -26.99 -14.79
O2 SO4 M . -18.64 -25.94 -16.91
O3 SO4 M . -17.15 -27.67 -16.19
O4 SO4 M . -19.39 -28.19 -16.79
S SO4 N . 21.37 9.83 15.59
O1 SO4 N . 21.88 9.40 16.90
O2 SO4 N . 20.09 9.19 15.33
O3 SO4 N . 21.28 11.28 15.61
O4 SO4 N . 22.32 9.47 14.53
C1 PGE O . -4.46 -21.02 -22.29
O1 PGE O . -4.71 -21.52 -23.61
C2 PGE O . -3.56 -19.81 -22.38
O2 PGE O . -4.22 -18.70 -23.01
C3 PGE O . -4.16 -18.77 -24.43
C4 PGE O . -4.05 -17.39 -25.09
O4 PGE O . -6.55 -19.31 -28.40
C6 PGE O . -5.68 -19.19 -27.27
C5 PGE O . -4.94 -17.85 -27.28
O3 PGE O . -5.10 -17.20 -26.03
C1 PGE P . -23.49 -10.29 -19.19
O1 PGE P . -23.73 -8.91 -19.49
C2 PGE P . -22.96 -11.06 -20.39
O2 PGE P . -21.53 -10.91 -20.55
C3 PGE P . -21.04 -11.45 -21.79
C4 PGE P . -19.74 -10.78 -22.20
O4 PGE P . -18.52 -6.43 -23.67
C6 PGE P . -19.42 -7.52 -23.90
C5 PGE P . -18.90 -8.78 -23.20
O3 PGE P . -19.98 -9.67 -23.06
C1 PEG Q . 15.62 4.35 3.27
O1 PEG Q . 16.88 4.52 3.96
C2 PEG Q . 15.33 5.56 2.36
O2 PEG Q . 14.08 6.19 2.69
C3 PEG Q . 13.91 7.51 2.13
C4 PEG Q . 13.27 8.47 3.15
O4 PEG Q . 12.04 7.96 3.69
#